data_7YWF
#
_entry.id   7YWF
#
_cell.length_a   158.050
_cell.length_b   158.050
_cell.length_c   48.720
_cell.angle_alpha   90.000
_cell.angle_beta   90.000
_cell.angle_gamma   120.000
#
_symmetry.space_group_name_H-M   'H 3'
#
loop_
_entity.id
_entity.type
_entity.pdbx_description
1 polymer 'Dirigent protein'
2 branched beta-D-galactopyranose-(1-4)-beta-D-galactopyranose
3 non-polymer 2-AMINO-2-HYDROXYMETHYL-PROPANE-1,3-DIOL
4 non-polymer 'PHOSPHATE ION'
5 non-polymer (2R,3S)-1,4-DIMERCAPTOBUTANE-2,3-DIOL
6 water water
#
_entity_poly.entity_id   1
_entity_poly.type   'polypeptide(L)'
_entity_poly.pdbx_seq_one_letter_code
;GSHMLESKLQITPCGMLVQGNQINFTKLYLHHTPAGPEQNQSAVTSNDKKIGLGCIVVNNWSVYDGIGSDAKLVAYAKGL
HVFAGAWHNSFSLVFEDERLKGSTLQVMGLIVEEGDWAIVGGTGQFAMATGVILKKMQEQKQYGNIIELTIHGFCPLLKG
S
;
_entity_poly.pdbx_strand_id   A,B,C
#
# COMPACT_ATOMS: atom_id res chain seq x y z
N ASN A 21 0.58 24.52 0.49
CA ASN A 21 0.24 24.44 1.90
C ASN A 21 0.81 23.17 2.54
N GLN A 22 1.78 23.33 3.42
CA GLN A 22 2.41 22.20 4.09
C GLN A 22 1.76 22.03 5.46
N ILE A 23 1.51 20.78 5.83
CA ILE A 23 0.87 20.50 7.11
C ILE A 23 1.82 20.86 8.24
N ASN A 24 1.40 21.80 9.10
CA ASN A 24 2.22 22.23 10.22
C ASN A 24 2.11 21.16 11.30
N PHE A 25 2.90 20.10 11.13
CA PHE A 25 2.93 19.01 12.09
C PHE A 25 4.03 19.19 13.12
N THR A 26 3.73 18.81 14.35
CA THR A 26 4.76 18.64 15.36
C THR A 26 5.44 17.30 15.15
N LYS A 27 6.65 17.17 15.70
CA LYS A 27 7.34 15.90 15.59
C LYS A 27 6.62 14.85 16.42
N LEU A 28 6.30 13.73 15.79
CA LEU A 28 5.58 12.64 16.44
C LEU A 28 6.56 11.55 16.85
N TYR A 29 6.14 10.74 17.80
CA TYR A 29 7.00 9.73 18.40
C TYR A 29 6.27 8.39 18.39
N LEU A 30 6.66 7.53 17.47
CA LEU A 30 6.01 6.23 17.28
C LEU A 30 6.64 5.22 18.23
N HIS A 31 5.81 4.52 18.98
CA HIS A 31 6.27 3.51 19.92
C HIS A 31 6.22 2.14 19.25
N HIS A 32 7.38 1.62 18.89
CA HIS A 32 7.51 0.34 18.22
C HIS A 32 7.93 -0.68 19.27
N THR A 33 6.98 -1.48 19.73
CA THR A 33 7.19 -2.40 20.85
C THR A 33 7.05 -3.84 20.38
N PRO A 34 8.15 -4.52 20.03
CA PRO A 34 8.03 -5.88 19.51
C PRO A 34 7.65 -6.90 20.56
N ALA A 35 7.99 -6.67 21.84
CA ALA A 35 7.73 -7.63 22.90
C ALA A 35 7.52 -6.88 24.20
N GLY A 36 7.49 -7.62 25.30
CA GLY A 36 7.34 -7.04 26.62
C GLY A 36 5.90 -6.91 27.07
N PRO A 37 5.70 -6.38 28.27
CA PRO A 37 4.32 -6.25 28.79
C PRO A 37 3.49 -5.22 28.05
N GLU A 38 4.11 -4.31 27.30
CA GLU A 38 3.38 -3.30 26.53
C GLU A 38 3.51 -3.56 25.03
N GLN A 39 3.61 -4.84 24.65
CA GLN A 39 3.77 -5.20 23.25
C GLN A 39 2.54 -4.79 22.44
N ASN A 40 2.77 -4.10 21.33
CA ASN A 40 1.69 -3.59 20.48
C ASN A 40 1.77 -4.14 19.06
N GLN A 41 2.42 -5.29 18.88
CA GLN A 41 2.53 -5.93 17.57
C GLN A 41 2.74 -7.41 17.78
N SER A 42 2.63 -8.17 16.68
CA SER A 42 2.78 -9.61 16.75
C SER A 42 3.12 -10.14 15.37
N ALA A 43 4.00 -11.14 15.33
CA ALA A 43 4.34 -11.81 14.08
C ALA A 43 3.34 -12.93 13.83
N VAL A 44 2.80 -12.95 12.61
CA VAL A 44 1.84 -13.98 12.22
C VAL A 44 2.45 -15.06 11.35
N THR A 45 3.55 -14.76 10.66
CA THR A 45 4.29 -15.76 9.89
C THR A 45 5.76 -15.71 10.29
N SER A 46 6.50 -16.72 9.87
CA SER A 46 7.92 -16.85 10.18
C SER A 46 8.74 -16.80 8.90
N ASN A 47 10.05 -16.67 9.07
CA ASN A 47 10.96 -16.63 7.93
C ASN A 47 11.28 -18.04 7.43
N ASP A 48 11.28 -18.20 6.12
CA ASP A 48 11.68 -19.46 5.52
C ASP A 48 13.19 -19.64 5.64
N LYS A 49 13.61 -20.79 6.15
CA LYS A 49 15.04 -21.06 6.32
C LYS A 49 15.75 -21.18 4.98
N LYS A 50 15.03 -21.45 3.90
CA LYS A 50 15.67 -21.62 2.59
C LYS A 50 15.91 -20.29 1.92
N ILE A 51 15.01 -19.32 2.11
CA ILE A 51 15.09 -18.05 1.42
C ILE A 51 15.52 -16.91 2.34
N GLY A 52 15.12 -16.94 3.61
CA GLY A 52 15.48 -15.91 4.56
C GLY A 52 14.54 -14.73 4.62
N LEU A 53 13.30 -14.89 4.16
CA LEU A 53 12.31 -13.83 4.20
C LEU A 53 10.94 -14.45 4.49
N GLY A 54 9.94 -13.59 4.65
CA GLY A 54 8.57 -14.06 4.84
C GLY A 54 7.91 -13.62 6.13
N CYS A 55 8.64 -13.12 7.12
CA CYS A 55 8.02 -12.76 8.38
C CYS A 55 7.10 -11.56 8.20
N ILE A 56 5.85 -11.72 8.62
CA ILE A 56 4.84 -10.67 8.56
C ILE A 56 4.44 -10.31 9.99
N VAL A 57 4.51 -9.03 10.32
CA VAL A 57 4.18 -8.55 11.65
C VAL A 57 3.06 -7.53 11.51
N VAL A 58 1.96 -7.77 12.22
CA VAL A 58 0.85 -6.82 12.31
C VAL A 58 1.10 -5.94 13.54
N ASN A 59 0.94 -4.63 13.37
CA ASN A 59 1.33 -3.68 14.39
C ASN A 59 0.25 -2.63 14.63
N ASN A 60 0.08 -2.26 15.90
CA ASN A 60 -0.79 -1.15 16.30
C ASN A 60 0.04 -0.16 17.11
N TRP A 61 0.94 0.54 16.42
CA TRP A 61 1.90 1.41 17.07
C TRP A 61 1.23 2.68 17.59
N SER A 62 1.49 3.01 18.85
CA SER A 62 1.00 4.25 19.43
C SER A 62 1.93 5.40 19.06
N VAL A 63 1.33 6.55 18.76
CA VAL A 63 2.05 7.72 18.28
C VAL A 63 1.73 8.90 19.18
N TYR A 64 2.75 9.50 19.76
CA TYR A 64 2.59 10.60 20.70
C TYR A 64 3.07 11.92 20.09
N ASP A 65 2.57 13.02 20.65
CA ASP A 65 2.92 14.35 20.17
C ASP A 65 4.15 14.93 20.86
N GLY A 66 4.89 14.10 21.59
CA GLY A 66 6.03 14.59 22.35
C GLY A 66 6.65 13.46 23.14
N ILE A 67 7.60 13.82 23.98
CA ILE A 67 8.32 12.86 24.81
C ILE A 67 8.06 13.18 26.27
N GLY A 68 8.16 12.15 27.10
CA GLY A 68 7.97 12.29 28.53
C GLY A 68 6.70 11.60 29.00
N SER A 69 6.52 11.63 30.33
CA SER A 69 5.39 10.94 30.94
C SER A 69 4.06 11.66 30.68
N ASP A 70 4.09 12.94 30.33
CA ASP A 70 2.88 13.70 30.07
C ASP A 70 2.61 13.88 28.59
N ALA A 71 3.36 13.21 27.73
CA ALA A 71 3.08 13.23 26.30
C ALA A 71 1.74 12.54 26.05
N LYS A 72 0.95 13.13 25.17
CA LYS A 72 -0.39 12.61 24.93
C LYS A 72 -0.44 11.84 23.61
N LEU A 73 -1.32 10.85 23.56
CA LEU A 73 -1.54 10.07 22.35
C LEU A 73 -2.34 10.89 21.35
N VAL A 74 -1.83 11.00 20.13
CA VAL A 74 -2.51 11.75 19.09
C VAL A 74 -2.84 10.91 17.86
N ALA A 75 -2.22 9.74 17.69
CA ALA A 75 -2.46 8.94 16.50
C ALA A 75 -2.06 7.50 16.78
N TYR A 76 -2.49 6.61 15.89
CA TYR A 76 -2.11 5.22 15.89
C TYR A 76 -1.54 4.86 14.52
N ALA A 77 -0.58 3.94 14.51
CA ALA A 77 -0.01 3.40 13.29
C ALA A 77 -0.51 1.97 13.16
N LYS A 78 -1.65 1.81 12.49
CA LYS A 78 -2.33 0.52 12.39
C LYS A 78 -2.06 -0.08 11.01
N GLY A 79 -1.37 -1.21 10.99
CA GLY A 79 -1.11 -1.91 9.74
C GLY A 79 -0.20 -3.11 9.90
N LEU A 80 0.72 -3.29 8.95
CA LEU A 80 1.61 -4.44 8.98
C LEU A 80 2.91 -4.10 8.28
N HIS A 81 3.95 -4.87 8.58
CA HIS A 81 5.22 -4.78 7.88
C HIS A 81 5.76 -6.19 7.65
N VAL A 82 6.29 -6.42 6.45
CA VAL A 82 6.76 -7.73 6.02
C VAL A 82 8.26 -7.67 5.79
N PHE A 83 8.95 -8.77 6.12
CA PHE A 83 10.39 -8.86 6.03
C PHE A 83 10.78 -9.53 4.71
N ALA A 84 11.42 -8.76 3.83
CA ALA A 84 11.92 -9.25 2.55
C ALA A 84 13.34 -8.74 2.34
N GLY A 85 14.22 -9.07 3.27
CA GLY A 85 15.56 -8.50 3.35
C GLY A 85 15.54 -7.20 4.11
N ALA A 86 14.46 -6.43 3.97
CA ALA A 86 14.19 -5.26 4.79
C ALA A 86 12.69 -5.19 5.03
N TRP A 87 12.30 -4.43 6.04
CA TRP A 87 10.90 -4.36 6.43
C TRP A 87 10.15 -3.36 5.56
N HIS A 88 9.13 -3.85 4.85
CA HIS A 88 8.25 -3.03 4.04
C HIS A 88 6.97 -2.76 4.83
N ASN A 89 6.73 -1.50 5.15
CA ASN A 89 5.63 -1.11 6.01
C ASN A 89 4.43 -0.65 5.19
N SER A 90 3.24 -0.90 5.74
CA SER A 90 2.00 -0.39 5.18
C SER A 90 1.01 -0.27 6.32
N PHE A 91 0.70 0.97 6.71
CA PHE A 91 -0.17 1.18 7.85
C PHE A 91 -0.94 2.48 7.67
N SER A 92 -2.07 2.57 8.37
CA SER A 92 -2.85 3.79 8.45
C SER A 92 -2.44 4.58 9.68
N LEU A 93 -2.21 5.87 9.50
CA LEU A 93 -1.87 6.76 10.62
C LEU A 93 -3.16 7.46 11.02
N VAL A 94 -3.94 6.81 11.88
CA VAL A 94 -5.25 7.28 12.27
C VAL A 94 -5.12 8.17 13.49
N PHE A 95 -5.69 9.37 13.42
CA PHE A 95 -5.53 10.38 14.45
C PHE A 95 -6.63 10.25 15.49
N GLU A 96 -6.23 10.08 16.74
CA GLU A 96 -7.17 10.02 17.87
C GLU A 96 -7.53 11.38 18.43
N ASP A 97 -7.04 12.47 17.84
CA ASP A 97 -7.38 13.80 18.33
C ASP A 97 -8.88 14.06 18.19
N GLU A 98 -9.40 14.90 19.09
CA GLU A 98 -10.83 15.17 19.10
C GLU A 98 -11.27 15.87 17.82
N ARG A 99 -10.50 16.87 17.39
CA ARG A 99 -10.85 17.66 16.22
C ARG A 99 -10.53 16.94 14.92
N LEU A 100 -9.59 15.99 14.93
CA LEU A 100 -9.17 15.28 13.73
C LEU A 100 -9.58 13.81 13.79
N LYS A 101 -10.69 13.52 14.46
CA LYS A 101 -11.17 12.15 14.56
C LYS A 101 -11.67 11.67 13.20
N GLY A 102 -11.16 10.53 12.76
CA GLY A 102 -11.55 9.98 11.48
C GLY A 102 -10.51 10.21 10.40
N SER A 103 -9.87 11.38 10.44
CA SER A 103 -8.84 11.69 9.45
C SER A 103 -7.64 10.77 9.64
N THR A 104 -7.10 10.30 8.52
CA THR A 104 -5.99 9.36 8.52
C THR A 104 -4.91 9.83 7.56
N LEU A 105 -3.68 9.38 7.82
CA LEU A 105 -2.59 9.49 6.87
C LEU A 105 -2.18 8.08 6.46
N GLN A 106 -2.06 7.85 5.16
CA GLN A 106 -1.70 6.55 4.63
C GLN A 106 -0.21 6.52 4.35
N VAL A 107 0.48 5.57 4.98
CA VAL A 107 1.95 5.52 4.96
C VAL A 107 2.39 4.20 4.36
N MET A 108 3.40 4.27 3.49
CA MET A 108 4.02 3.09 2.90
C MET A 108 5.49 3.41 2.64
N GLY A 109 6.35 2.45 2.95
CA GLY A 109 7.77 2.66 2.74
C GLY A 109 8.59 1.58 3.41
N LEU A 110 9.90 1.72 3.25
CA LEU A 110 10.84 0.72 3.70
C LEU A 110 11.50 1.15 5.01
N ILE A 111 11.87 0.16 5.81
CA ILE A 111 12.58 0.33 7.09
C ILE A 111 11.64 0.94 8.12
N VAL A 112 11.76 0.49 9.37
CA VAL A 112 10.93 0.97 10.46
C VAL A 112 11.66 2.00 11.32
N GLU A 113 12.87 1.65 11.77
CA GLU A 113 13.58 2.51 12.72
C GLU A 113 14.16 3.74 12.04
N GLU A 114 14.90 3.53 10.95
CA GLU A 114 15.57 4.60 10.24
C GLU A 114 14.94 4.77 8.86
N GLY A 115 15.56 5.62 8.04
CA GLY A 115 15.10 5.78 6.67
C GLY A 115 13.95 6.77 6.55
N ASP A 116 13.22 6.64 5.45
CA ASP A 116 12.10 7.49 5.13
C ASP A 116 10.85 6.65 4.87
N TRP A 117 9.70 7.29 4.97
CA TRP A 117 8.42 6.70 4.60
C TRP A 117 7.68 7.66 3.69
N ALA A 118 6.80 7.11 2.86
CA ALA A 118 6.02 7.90 1.91
C ALA A 118 4.59 8.06 2.41
N ILE A 119 4.06 9.28 2.29
CA ILE A 119 2.65 9.55 2.55
C ILE A 119 1.93 9.35 1.22
N VAL A 120 1.27 8.20 1.08
CA VAL A 120 0.64 7.83 -0.18
C VAL A 120 -0.79 8.33 -0.29
N GLY A 121 -1.31 8.98 0.74
CA GLY A 121 -2.65 9.52 0.70
C GLY A 121 -3.16 9.79 2.09
N GLY A 122 -4.42 10.21 2.14
CA GLY A 122 -5.03 10.50 3.42
C GLY A 122 -6.52 10.75 3.26
N THR A 123 -7.19 10.90 4.40
CA THR A 123 -8.64 11.05 4.44
C THR A 123 -9.01 12.15 5.43
N GLY A 124 -10.20 12.72 5.22
CA GLY A 124 -10.73 13.74 6.09
C GLY A 124 -10.06 15.09 5.91
N GLN A 125 -9.46 15.59 7.00
CA GLN A 125 -8.72 16.85 6.92
C GLN A 125 -7.45 16.71 6.10
N PHE A 126 -6.96 15.49 5.92
CA PHE A 126 -5.75 15.21 5.14
C PHE A 126 -6.12 14.50 3.84
N ALA A 127 -7.23 14.90 3.22
CA ALA A 127 -7.66 14.29 1.98
C ALA A 127 -6.67 14.61 0.86
N MET A 128 -6.33 13.59 0.06
CA MET A 128 -5.41 13.74 -1.06
C MET A 128 -4.03 14.19 -0.59
N ALA A 129 -3.62 13.74 0.59
CA ALA A 129 -2.35 14.16 1.14
C ALA A 129 -1.20 13.48 0.41
N THR A 130 -0.05 14.15 0.41
CA THR A 130 1.15 13.61 -0.20
C THR A 130 2.35 14.20 0.52
N GLY A 131 3.37 13.36 0.74
CA GLY A 131 4.56 13.81 1.44
C GLY A 131 5.39 12.63 1.86
N VAL A 132 6.33 12.90 2.77
CA VAL A 132 7.25 11.89 3.26
C VAL A 132 7.32 12.00 4.78
N ILE A 133 7.81 10.92 5.40
CA ILE A 133 7.98 10.85 6.84
C ILE A 133 9.40 10.41 7.12
N LEU A 134 10.17 11.24 7.82
CA LEU A 134 11.53 10.90 8.20
C LEU A 134 11.54 10.22 9.55
N LYS A 135 12.36 9.18 9.67
CA LYS A 135 12.43 8.38 10.89
C LYS A 135 13.81 8.53 11.52
N LYS A 136 13.82 8.62 12.84
CA LYS A 136 15.06 8.76 13.60
C LYS A 136 14.89 8.08 14.95
N MET A 137 15.84 7.24 15.31
CA MET A 137 15.81 6.60 16.61
C MET A 137 15.95 7.66 17.69
N GLN A 138 15.10 7.58 18.72
CA GLN A 138 15.09 8.55 19.80
C GLN A 138 15.37 7.94 21.17
N GLU A 139 14.88 6.72 21.42
CA GLU A 139 15.07 6.07 22.70
C GLU A 139 15.00 4.57 22.49
N GLN A 140 15.96 3.85 23.05
CA GLN A 140 16.01 2.39 22.98
C GLN A 140 15.70 1.84 24.37
N LYS A 141 14.57 1.15 24.50
CA LYS A 141 14.15 0.58 25.77
C LYS A 141 14.39 -0.93 25.76
N GLN A 142 14.00 -1.57 26.86
CA GLN A 142 14.26 -2.99 27.03
C GLN A 142 13.44 -3.83 26.06
N TYR A 143 12.16 -3.49 25.90
CA TYR A 143 11.25 -4.27 25.07
C TYR A 143 10.74 -3.50 23.86
N GLY A 144 11.34 -2.38 23.53
CA GLY A 144 10.89 -1.60 22.39
C GLY A 144 11.74 -0.36 22.21
N ASN A 145 11.31 0.49 21.29
CA ASN A 145 12.01 1.73 21.01
C ASN A 145 11.02 2.78 20.52
N ILE A 146 11.45 4.03 20.59
CA ILE A 146 10.66 5.18 20.17
C ILE A 146 11.31 5.78 18.94
N ILE A 147 10.51 6.04 17.90
CA ILE A 147 11.01 6.52 16.62
C ILE A 147 10.46 7.91 16.39
N GLU A 148 11.36 8.88 16.22
CA GLU A 148 10.94 10.26 15.96
C GLU A 148 10.51 10.38 14.50
N LEU A 149 9.37 11.04 14.29
CA LEU A 149 8.78 11.19 12.96
C LEU A 149 8.72 12.66 12.59
N THR A 150 9.25 12.98 11.41
CA THR A 150 9.14 14.33 10.84
C THR A 150 8.32 14.23 9.56
N ILE A 151 7.17 14.89 9.56
CA ILE A 151 6.21 14.77 8.46
C ILE A 151 6.32 16.00 7.57
N HIS A 152 6.64 15.77 6.30
CA HIS A 152 6.65 16.83 5.29
C HIS A 152 5.52 16.57 4.30
N GLY A 153 4.29 16.81 4.75
CA GLY A 153 3.12 16.54 3.95
C GLY A 153 2.48 17.79 3.36
N PHE A 154 1.72 17.57 2.29
CA PHE A 154 1.00 18.62 1.59
C PHE A 154 -0.39 18.12 1.24
N CYS A 155 -1.42 18.87 1.61
N CYS A 155 -1.41 18.88 1.60
CA CYS A 155 -2.79 18.52 1.30
CA CYS A 155 -2.79 18.53 1.31
C CYS A 155 -3.42 19.65 0.49
C CYS A 155 -3.43 19.65 0.49
N PRO A 156 -4.08 19.34 -0.64
CA PRO A 156 -4.71 20.40 -1.42
C PRO A 156 -6.10 20.76 -0.91
N LEU A 157 -6.31 20.59 0.40
CA LEU A 157 -7.59 20.88 1.05
C LEU A 157 -7.64 22.38 1.37
N LEU A 158 -7.75 23.18 0.32
CA LEU A 158 -7.79 24.63 0.44
C LEU A 158 -8.90 25.10 1.39
N SER B 7 19.73 0.45 -17.96
CA SER B 7 18.46 1.18 -17.89
C SER B 7 18.66 2.64 -18.29
N LYS B 8 17.55 3.38 -18.37
CA LYS B 8 17.57 4.77 -18.81
C LYS B 8 16.54 5.55 -18.01
N LEU B 9 16.98 6.66 -17.41
CA LEU B 9 16.13 7.51 -16.60
C LEU B 9 16.10 8.91 -17.20
N GLN B 10 14.94 9.33 -17.67
CA GLN B 10 14.75 10.67 -18.21
C GLN B 10 14.02 11.54 -17.20
N ILE B 11 14.50 12.76 -17.03
CA ILE B 11 13.90 13.73 -16.12
C ILE B 11 13.54 14.98 -16.92
N THR B 12 12.26 15.33 -16.91
CA THR B 12 11.76 16.46 -17.67
C THR B 12 10.98 17.38 -16.73
N PRO B 13 11.37 18.64 -16.58
CA PRO B 13 10.59 19.55 -15.74
C PRO B 13 9.27 19.91 -16.41
N CYS B 14 8.23 20.04 -15.59
CA CYS B 14 6.89 20.32 -16.08
C CYS B 14 5.98 20.76 -14.94
N GLY B 15 4.67 20.72 -15.16
CA GLY B 15 3.70 21.06 -14.15
C GLY B 15 2.63 20.00 -14.05
N MET B 16 1.96 19.98 -12.91
CA MET B 16 0.91 19.00 -12.65
C MET B 16 -0.39 19.73 -12.35
N LEU B 17 -1.39 19.52 -13.19
CA LEU B 17 -2.72 20.09 -13.01
C LEU B 17 -3.50 19.15 -12.11
N VAL B 18 -3.62 19.49 -10.83
CA VAL B 18 -4.26 18.59 -9.87
C VAL B 18 -5.70 18.33 -10.26
N GLN B 19 -6.48 19.38 -10.48
CA GLN B 19 -7.88 19.23 -10.89
C GLN B 19 -8.02 19.07 -12.40
N GLY B 20 -7.24 18.13 -12.95
CA GLY B 20 -7.27 17.84 -14.37
C GLY B 20 -8.55 17.15 -14.76
N ASN B 21 -8.62 15.84 -14.51
CA ASN B 21 -9.80 15.03 -14.80
C ASN B 21 -10.41 14.60 -13.47
N GLN B 22 -11.60 15.10 -13.17
CA GLN B 22 -12.31 14.77 -11.94
C GLN B 22 -13.28 13.62 -12.18
N ILE B 23 -13.17 12.57 -11.38
CA ILE B 23 -14.06 11.43 -11.44
C ILE B 23 -14.92 11.49 -10.19
N ASN B 24 -16.23 11.31 -10.36
CA ASN B 24 -17.17 11.39 -9.26
C ASN B 24 -18.21 10.28 -9.36
N PHE B 25 -17.74 9.03 -9.40
CA PHE B 25 -18.64 7.90 -9.45
C PHE B 25 -19.40 7.83 -8.13
N THR B 26 -20.71 8.00 -8.18
CA THR B 26 -21.57 7.93 -7.01
C THR B 26 -22.44 6.69 -7.07
N LYS B 27 -22.91 6.27 -5.90
CA LYS B 27 -23.80 5.12 -5.76
C LYS B 27 -23.10 3.84 -6.23
N LEU B 28 -21.99 3.53 -5.58
CA LEU B 28 -21.29 2.26 -5.74
C LEU B 28 -21.33 1.52 -4.41
N TYR B 29 -21.60 0.22 -4.49
CA TYR B 29 -21.93 -0.57 -3.30
C TYR B 29 -21.06 -1.82 -3.28
N LEU B 30 -20.26 -1.96 -2.24
CA LEU B 30 -19.33 -3.08 -2.07
C LEU B 30 -19.98 -4.16 -1.21
N HIS B 31 -19.93 -5.40 -1.69
CA HIS B 31 -20.50 -6.54 -0.99
C HIS B 31 -19.40 -7.19 -0.15
N HIS B 32 -19.39 -6.90 1.15
CA HIS B 32 -18.43 -7.48 2.06
C HIS B 32 -19.07 -8.72 2.70
N THR B 33 -18.68 -9.89 2.24
CA THR B 33 -19.35 -11.16 2.55
C THR B 33 -18.36 -12.10 3.23
N PRO B 34 -18.21 -12.02 4.56
CA PRO B 34 -17.25 -12.90 5.25
C PRO B 34 -17.69 -14.35 5.36
N ALA B 35 -18.95 -14.67 5.07
CA ALA B 35 -19.44 -16.03 5.27
C ALA B 35 -20.51 -16.34 4.22
N GLY B 36 -21.00 -17.57 4.24
CA GLY B 36 -22.05 -18.00 3.35
C GLY B 36 -21.50 -18.60 2.06
N PRO B 37 -22.39 -19.04 1.18
CA PRO B 37 -21.93 -19.59 -0.10
C PRO B 37 -21.37 -18.53 -1.03
N GLU B 38 -21.77 -17.27 -0.89
CA GLU B 38 -21.22 -16.17 -1.68
C GLU B 38 -20.05 -15.49 -0.98
N GLN B 39 -19.38 -16.19 -0.06
CA GLN B 39 -18.25 -15.61 0.65
C GLN B 39 -17.14 -15.24 -0.31
N ASN B 40 -16.71 -13.98 -0.26
CA ASN B 40 -15.71 -13.45 -1.17
C ASN B 40 -14.46 -12.98 -0.45
N GLN B 41 -14.13 -13.61 0.68
CA GLN B 41 -12.92 -13.32 1.41
C GLN B 41 -12.62 -14.49 2.34
N SER B 42 -11.41 -14.48 2.89
CA SER B 42 -10.99 -15.56 3.78
C SER B 42 -9.83 -15.07 4.63
N ALA B 43 -9.86 -15.43 5.91
CA ALA B 43 -8.77 -15.10 6.83
C ALA B 43 -7.71 -16.19 6.76
N VAL B 44 -6.46 -15.77 6.58
CA VAL B 44 -5.34 -16.70 6.49
C VAL B 44 -4.48 -16.70 7.75
N THR B 45 -4.71 -15.76 8.67
CA THR B 45 -4.06 -15.77 9.98
C THR B 45 -5.12 -15.48 11.03
N SER B 46 -4.79 -15.80 12.28
CA SER B 46 -5.66 -15.52 13.41
C SER B 46 -4.99 -14.51 14.33
N ASN B 47 -5.81 -13.86 15.14
CA ASN B 47 -5.28 -12.91 16.11
C ASN B 47 -4.44 -13.64 17.15
N ASP B 48 -3.34 -13.02 17.55
CA ASP B 48 -2.55 -13.53 18.66
C ASP B 48 -3.35 -13.39 19.95
N LYS B 49 -3.56 -14.51 20.66
CA LYS B 49 -4.43 -14.48 21.82
C LYS B 49 -3.86 -13.62 22.94
N LYS B 50 -2.54 -13.43 22.98
CA LYS B 50 -1.92 -12.62 24.01
C LYS B 50 -1.90 -11.13 23.66
N ILE B 51 -1.78 -10.79 22.38
CA ILE B 51 -1.64 -9.39 21.97
C ILE B 51 -2.98 -8.84 21.50
N GLY B 52 -3.80 -9.69 20.88
CA GLY B 52 -5.09 -9.28 20.39
C GLY B 52 -5.14 -8.73 18.99
N LEU B 53 -4.19 -9.10 18.13
CA LEU B 53 -4.19 -8.65 16.75
C LEU B 53 -3.46 -9.67 15.89
N GLY B 54 -3.58 -9.51 14.57
CA GLY B 54 -2.84 -10.34 13.65
C GLY B 54 -3.66 -10.99 12.56
N CYS B 55 -4.99 -10.91 12.66
N CYS B 55 -4.99 -10.92 12.69
CA CYS B 55 -5.86 -11.56 11.70
CA CYS B 55 -5.89 -11.52 11.69
C CYS B 55 -5.75 -10.87 10.35
C CYS B 55 -5.73 -10.85 10.34
N ILE B 56 -5.17 -11.57 9.37
CA ILE B 56 -5.05 -11.08 8.01
C ILE B 56 -6.12 -11.76 7.17
N VAL B 57 -6.91 -10.96 6.47
CA VAL B 57 -7.99 -11.47 5.62
C VAL B 57 -7.71 -11.02 4.19
N VAL B 58 -7.78 -11.96 3.25
CA VAL B 58 -7.64 -11.67 1.83
C VAL B 58 -9.04 -11.60 1.23
N ASN B 59 -9.34 -10.48 0.57
CA ASN B 59 -10.69 -10.18 0.12
C ASN B 59 -10.75 -10.02 -1.38
N ASN B 60 -11.85 -10.49 -1.97
CA ASN B 60 -12.20 -10.26 -3.37
C ASN B 60 -13.62 -9.71 -3.44
N TRP B 61 -13.80 -8.53 -2.86
CA TRP B 61 -15.12 -7.94 -2.71
C TRP B 61 -15.69 -7.52 -4.05
N SER B 62 -16.93 -7.92 -4.33
CA SER B 62 -17.62 -7.48 -5.53
C SER B 62 -18.24 -6.11 -5.31
N VAL B 63 -18.22 -5.28 -6.35
CA VAL B 63 -18.75 -3.93 -6.31
C VAL B 63 -19.81 -3.78 -7.39
N TYR B 64 -21.00 -3.34 -7.00
CA TYR B 64 -22.13 -3.18 -7.90
C TYR B 64 -22.46 -1.69 -8.06
N ASP B 65 -23.12 -1.38 -9.18
CA ASP B 65 -23.49 -0.01 -9.52
C ASP B 65 -24.86 0.39 -8.98
N GLY B 66 -25.39 -0.37 -8.03
CA GLY B 66 -26.69 -0.05 -7.47
C GLY B 66 -27.10 -1.07 -6.43
N ILE B 67 -28.29 -0.85 -5.87
CA ILE B 67 -28.86 -1.74 -4.87
C ILE B 67 -30.14 -2.34 -5.43
N GLY B 68 -30.29 -3.65 -5.28
CA GLY B 68 -31.48 -4.34 -5.76
C GLY B 68 -31.20 -5.43 -6.77
N SER B 69 -32.20 -5.81 -7.55
CA SER B 69 -32.04 -6.88 -8.54
C SER B 69 -31.64 -6.36 -9.91
N ASP B 70 -31.83 -5.07 -10.17
CA ASP B 70 -31.43 -4.48 -11.45
C ASP B 70 -29.97 -4.05 -11.47
N ALA B 71 -29.27 -4.13 -10.34
CA ALA B 71 -27.88 -3.73 -10.28
C ALA B 71 -26.99 -4.75 -10.96
N LYS B 72 -25.87 -4.26 -11.51
CA LYS B 72 -24.92 -5.10 -12.21
C LYS B 72 -23.53 -4.93 -11.59
N LEU B 73 -22.76 -6.02 -11.59
CA LEU B 73 -21.41 -5.98 -11.06
C LEU B 73 -20.53 -5.17 -12.00
N VAL B 74 -19.76 -4.24 -11.43
CA VAL B 74 -18.92 -3.36 -12.22
C VAL B 74 -17.44 -3.45 -11.87
N ALA B 75 -17.07 -3.96 -10.70
CA ALA B 75 -15.67 -4.01 -10.30
C ALA B 75 -15.50 -5.02 -9.18
N TYR B 76 -14.23 -5.35 -8.91
CA TYR B 76 -13.85 -6.20 -7.80
C TYR B 76 -12.83 -5.47 -6.93
N ALA B 77 -12.99 -5.58 -5.62
CA ALA B 77 -12.04 -5.02 -4.66
C ALA B 77 -11.09 -6.15 -4.25
N LYS B 78 -9.99 -6.27 -4.99
CA LYS B 78 -9.03 -7.35 -4.79
C LYS B 78 -7.86 -6.85 -3.96
N GLY B 79 -7.67 -7.45 -2.79
CA GLY B 79 -6.55 -7.11 -1.94
C GLY B 79 -6.55 -7.81 -0.59
N LEU B 80 -6.31 -7.07 0.48
CA LEU B 80 -6.29 -7.64 1.81
C LEU B 80 -6.63 -6.56 2.83
N HIS B 81 -6.99 -7.00 4.03
CA HIS B 81 -7.16 -6.10 5.17
C HIS B 81 -6.76 -6.85 6.43
N VAL B 82 -5.97 -6.19 7.28
CA VAL B 82 -5.39 -6.80 8.46
C VAL B 82 -5.93 -6.11 9.70
N PHE B 83 -6.06 -6.88 10.79
CA PHE B 83 -6.59 -6.37 12.04
C PHE B 83 -5.45 -6.03 12.98
N ALA B 84 -5.33 -4.74 13.29
CA ALA B 84 -4.33 -4.23 14.24
C ALA B 84 -5.01 -3.25 15.19
N GLY B 85 -6.02 -3.74 15.90
CA GLY B 85 -6.93 -2.89 16.63
C GLY B 85 -8.09 -2.43 15.79
N ALA B 86 -7.85 -2.20 14.50
CA ALA B 86 -8.87 -1.94 13.50
C ALA B 86 -8.38 -2.57 12.19
N TRP B 87 -9.24 -2.52 11.17
CA TRP B 87 -8.94 -3.18 9.91
C TRP B 87 -8.27 -2.16 8.98
N HIS B 88 -7.01 -2.40 8.66
CA HIS B 88 -6.27 -1.59 7.69
C HIS B 88 -6.36 -2.24 6.32
N ASN B 89 -6.90 -1.51 5.35
CA ASN B 89 -7.17 -2.06 4.03
C ASN B 89 -6.08 -1.70 3.04
N SER B 90 -6.00 -2.49 1.98
CA SER B 90 -5.08 -2.28 0.87
C SER B 90 -5.49 -3.17 -0.29
N PHE B 91 -6.13 -2.59 -1.31
CA PHE B 91 -6.66 -3.39 -2.39
C PHE B 91 -6.66 -2.60 -3.69
N SER B 92 -6.79 -3.33 -4.79
CA SER B 92 -6.91 -2.75 -6.12
C SER B 92 -8.37 -2.82 -6.56
N LEU B 93 -8.97 -1.66 -6.81
CA LEU B 93 -10.34 -1.59 -7.31
C LEU B 93 -10.27 -1.72 -8.82
N VAL B 94 -10.26 -2.96 -9.30
CA VAL B 94 -10.14 -3.25 -10.72
C VAL B 94 -11.53 -3.27 -11.34
N PHE B 95 -11.76 -2.40 -12.31
CA PHE B 95 -13.05 -2.30 -12.97
C PHE B 95 -13.20 -3.39 -14.03
N GLU B 96 -14.43 -3.84 -14.23
CA GLU B 96 -14.70 -4.91 -15.18
C GLU B 96 -15.66 -4.53 -16.31
N ASP B 97 -16.22 -3.32 -16.27
CA ASP B 97 -17.12 -2.90 -17.34
C ASP B 97 -16.35 -2.64 -18.64
N GLU B 98 -17.11 -2.47 -19.72
CA GLU B 98 -16.50 -2.31 -21.04
C GLU B 98 -15.79 -0.96 -21.15
N ARG B 99 -16.46 0.11 -20.72
CA ARG B 99 -15.91 1.45 -20.88
C ARG B 99 -14.75 1.75 -19.96
N LEU B 100 -14.49 0.87 -18.98
CA LEU B 100 -13.41 1.09 -18.02
C LEU B 100 -12.60 -0.19 -17.79
N LYS B 101 -12.56 -1.07 -18.78
CA LYS B 101 -11.82 -2.32 -18.64
C LYS B 101 -10.32 -2.05 -18.58
N GLY B 102 -9.66 -2.68 -17.61
CA GLY B 102 -8.24 -2.54 -17.39
C GLY B 102 -7.85 -1.45 -16.41
N SER B 103 -8.61 -0.36 -16.36
CA SER B 103 -8.29 0.73 -15.44
C SER B 103 -8.64 0.34 -14.01
N THR B 104 -7.70 0.57 -13.10
CA THR B 104 -7.86 0.21 -11.70
C THR B 104 -7.67 1.45 -10.83
N LEU B 105 -8.16 1.35 -9.59
CA LEU B 105 -7.96 2.38 -8.58
C LEU B 105 -7.37 1.72 -7.34
N GLN B 106 -6.21 2.20 -6.92
CA GLN B 106 -5.54 1.65 -5.75
C GLN B 106 -6.04 2.38 -4.50
N VAL B 107 -6.50 1.61 -3.52
CA VAL B 107 -7.19 2.15 -2.36
C VAL B 107 -6.50 1.65 -1.11
N MET B 108 -6.25 2.56 -0.16
CA MET B 108 -5.75 2.23 1.15
C MET B 108 -6.49 3.06 2.19
N GLY B 109 -6.60 2.53 3.39
CA GLY B 109 -7.27 3.26 4.46
C GLY B 109 -7.77 2.34 5.54
N LEU B 110 -8.25 2.95 6.62
CA LEU B 110 -8.72 2.22 7.79
C LEU B 110 -10.23 2.02 7.74
N ILE B 111 -10.68 0.96 8.40
CA ILE B 111 -12.08 0.62 8.63
C ILE B 111 -12.73 0.17 7.32
N VAL B 112 -13.58 -0.85 7.40
CA VAL B 112 -14.28 -1.39 6.24
C VAL B 112 -15.72 -0.93 6.20
N GLU B 113 -16.41 -0.96 7.34
CA GLU B 113 -17.85 -0.73 7.36
C GLU B 113 -18.19 0.75 7.21
N GLU B 114 -17.38 1.63 7.80
CA GLU B 114 -17.63 3.05 7.81
C GLU B 114 -16.29 3.77 7.66
N GLY B 115 -16.29 5.08 7.83
CA GLY B 115 -15.07 5.84 7.73
C GLY B 115 -14.77 6.28 6.32
N ASP B 116 -13.48 6.52 6.08
CA ASP B 116 -13.02 7.01 4.78
C ASP B 116 -11.85 6.16 4.30
N TRP B 117 -11.78 5.99 2.99
CA TRP B 117 -10.67 5.31 2.32
C TRP B 117 -9.94 6.31 1.44
N ALA B 118 -8.63 6.09 1.28
CA ALA B 118 -7.79 6.99 0.50
C ALA B 118 -7.50 6.36 -0.86
N ILE B 119 -7.71 7.15 -1.92
CA ILE B 119 -7.30 6.75 -3.25
C ILE B 119 -5.83 7.14 -3.42
N VAL B 120 -4.94 6.14 -3.38
CA VAL B 120 -3.50 6.38 -3.36
C VAL B 120 -2.87 6.28 -4.73
N GLY B 121 -3.65 5.92 -5.76
CA GLY B 121 -3.10 5.79 -7.08
C GLY B 121 -4.09 5.07 -7.99
N GLY B 122 -3.62 4.77 -9.19
CA GLY B 122 -4.44 4.05 -10.15
C GLY B 122 -3.64 3.74 -11.39
N THR B 123 -4.27 2.99 -12.29
CA THR B 123 -3.65 2.58 -13.54
C THR B 123 -4.63 2.80 -14.68
N GLY B 124 -4.10 2.75 -15.91
CA GLY B 124 -4.94 2.89 -17.09
C GLY B 124 -5.53 4.28 -17.20
N GLN B 125 -6.85 4.35 -17.27
CA GLN B 125 -7.57 5.61 -17.37
C GLN B 125 -7.53 6.40 -16.07
N PHE B 126 -7.10 5.77 -14.97
CA PHE B 126 -7.02 6.41 -13.66
C PHE B 126 -5.57 6.58 -13.22
N ALA B 127 -4.69 6.89 -14.17
CA ALA B 127 -3.28 7.05 -13.87
C ALA B 127 -3.08 8.25 -12.93
N MET B 128 -2.24 8.05 -11.91
CA MET B 128 -1.86 9.09 -10.96
C MET B 128 -3.05 9.61 -10.16
N ALA B 129 -4.11 8.82 -10.05
CA ALA B 129 -5.32 9.29 -9.40
C ALA B 129 -5.10 9.44 -7.90
N THR B 130 -5.67 10.51 -7.34
CA THR B 130 -5.65 10.75 -5.90
C THR B 130 -7.04 11.19 -5.47
N GLY B 131 -7.42 10.82 -4.26
CA GLY B 131 -8.73 11.18 -3.75
C GLY B 131 -9.09 10.32 -2.56
N VAL B 132 -10.39 10.29 -2.25
CA VAL B 132 -10.91 9.54 -1.12
C VAL B 132 -12.15 8.77 -1.56
N ILE B 133 -12.50 7.78 -0.76
CA ILE B 133 -13.70 6.97 -0.95
C ILE B 133 -14.45 6.95 0.37
N LEU B 134 -15.69 7.45 0.36
CA LEU B 134 -16.52 7.52 1.56
C LEU B 134 -17.31 6.23 1.71
N LYS B 135 -17.23 5.63 2.89
CA LYS B 135 -17.95 4.41 3.22
C LYS B 135 -19.16 4.74 4.09
N LYS B 136 -20.26 4.03 3.84
CA LYS B 136 -21.51 4.23 4.57
C LYS B 136 -22.30 2.94 4.55
N MET B 137 -22.73 2.49 5.72
CA MET B 137 -23.49 1.25 5.83
C MET B 137 -24.81 1.36 5.08
N GLN B 138 -24.99 0.49 4.09
CA GLN B 138 -26.20 0.47 3.28
C GLN B 138 -27.21 -0.59 3.72
N GLU B 139 -26.76 -1.82 3.95
CA GLU B 139 -27.65 -2.89 4.35
C GLU B 139 -26.85 -3.98 5.05
N GLN B 140 -27.33 -4.41 6.21
CA GLN B 140 -26.76 -5.55 6.91
C GLN B 140 -27.51 -6.81 6.49
N LYS B 141 -26.77 -7.85 6.16
CA LYS B 141 -27.35 -9.10 5.68
C LYS B 141 -26.89 -10.25 6.56
N GLN B 142 -27.44 -11.44 6.28
CA GLN B 142 -27.14 -12.61 7.11
C GLN B 142 -25.67 -13.00 6.99
N TYR B 143 -25.16 -13.06 5.77
CA TYR B 143 -23.80 -13.52 5.51
C TYR B 143 -22.81 -12.37 5.35
N GLY B 144 -23.25 -11.13 5.54
CA GLY B 144 -22.37 -9.99 5.43
C GLY B 144 -23.10 -8.67 5.40
N ASN B 145 -22.61 -7.71 4.62
CA ASN B 145 -23.26 -6.41 4.52
C ASN B 145 -22.84 -5.74 3.22
N ILE B 146 -23.65 -4.78 2.79
CA ILE B 146 -23.39 -3.97 1.62
C ILE B 146 -22.95 -2.58 2.08
N ILE B 147 -21.80 -2.13 1.61
CA ILE B 147 -21.20 -0.86 2.02
C ILE B 147 -21.28 0.09 0.85
N GLU B 148 -21.94 1.24 1.06
CA GLU B 148 -22.04 2.26 0.02
C GLU B 148 -20.72 3.01 -0.10
N LEU B 149 -20.22 3.11 -1.33
CA LEU B 149 -18.98 3.79 -1.63
C LEU B 149 -19.26 5.08 -2.38
N THR B 150 -18.51 6.13 -2.06
CA THR B 150 -18.63 7.42 -2.72
C THR B 150 -17.23 7.87 -3.13
N ILE B 151 -16.95 7.85 -4.43
CA ILE B 151 -15.62 8.13 -4.94
C ILE B 151 -15.50 9.60 -5.29
N HIS B 152 -14.52 10.28 -4.69
CA HIS B 152 -14.22 11.68 -4.98
C HIS B 152 -12.71 11.79 -5.18
N GLY B 153 -12.27 11.63 -6.42
CA GLY B 153 -10.86 11.68 -6.73
C GLY B 153 -10.57 12.24 -8.11
N PHE B 154 -9.49 13.00 -8.23
CA PHE B 154 -9.11 13.64 -9.48
C PHE B 154 -8.01 12.83 -10.19
N CYS B 155 -7.76 13.19 -11.44
CA CYS B 155 -6.62 12.64 -12.18
C CYS B 155 -5.77 13.81 -12.65
N PRO B 156 -4.57 14.00 -12.11
CA PRO B 156 -3.73 15.12 -12.55
C PRO B 156 -3.21 14.96 -13.97
N LEU B 157 -3.12 16.09 -14.67
CA LEU B 157 -2.62 16.15 -16.03
C LEU B 157 -1.17 16.61 -15.99
N LEU B 158 -0.27 15.82 -16.56
CA LEU B 158 1.15 16.15 -16.55
C LEU B 158 1.47 17.23 -17.60
N LEU C 17 -1.21 24.66 -10.82
CA LEU C 17 -0.10 23.80 -11.22
C LEU C 17 0.88 23.55 -10.10
N VAL C 18 1.62 22.46 -10.20
CA VAL C 18 2.64 22.09 -9.23
C VAL C 18 3.94 21.89 -10.00
N GLN C 19 4.97 22.68 -9.66
CA GLN C 19 6.25 22.57 -10.33
C GLN C 19 6.97 21.30 -9.87
N GLY C 20 7.51 20.55 -10.82
CA GLY C 20 8.25 19.35 -10.51
C GLY C 20 9.01 18.77 -11.67
N ASN C 21 9.20 17.46 -11.66
CA ASN C 21 9.96 16.76 -12.70
C ASN C 21 9.23 15.47 -13.07
N GLN C 22 9.16 15.19 -14.36
CA GLN C 22 8.62 13.93 -14.86
C GLN C 22 9.77 12.93 -14.98
N ILE C 23 9.70 11.88 -14.16
CA ILE C 23 10.70 10.82 -14.18
C ILE C 23 10.25 9.73 -15.13
N ASN C 24 11.19 9.20 -15.92
CA ASN C 24 10.86 8.19 -16.94
C ASN C 24 11.96 7.12 -16.94
N PHE C 25 11.66 5.96 -16.36
CA PHE C 25 12.55 4.81 -16.42
C PHE C 25 12.16 3.88 -17.56
N THR C 26 13.17 3.38 -18.26
CA THR C 26 12.99 2.39 -19.31
C THR C 26 14.04 1.31 -19.14
N LYS C 27 13.71 0.11 -19.61
CA LYS C 27 14.64 -1.03 -19.60
C LYS C 27 15.08 -1.41 -18.19
N LEU C 28 14.11 -1.44 -17.26
CA LEU C 28 14.31 -2.05 -15.95
C LEU C 28 13.79 -3.48 -16.01
N TYR C 29 14.56 -4.42 -15.48
CA TYR C 29 14.25 -5.84 -15.62
C TYR C 29 14.13 -6.45 -14.23
N LEU C 30 12.91 -6.84 -13.87
CA LEU C 30 12.63 -7.42 -12.56
C LEU C 30 12.70 -8.94 -12.66
N HIS C 31 13.40 -9.56 -11.70
CA HIS C 31 13.51 -11.01 -11.63
C HIS C 31 12.44 -11.55 -10.69
N HIS C 32 11.49 -12.30 -11.26
CA HIS C 32 10.41 -12.93 -10.50
C HIS C 32 10.74 -14.43 -10.48
N THR C 33 11.32 -14.90 -9.37
CA THR C 33 11.87 -16.25 -9.27
C THR C 33 11.13 -17.02 -8.18
N PRO C 34 10.03 -17.70 -8.51
CA PRO C 34 9.29 -18.44 -7.49
C PRO C 34 9.98 -19.69 -6.98
N ALA C 35 10.94 -20.25 -7.73
CA ALA C 35 11.61 -21.48 -7.32
C ALA C 35 13.05 -21.46 -7.84
N GLY C 36 13.80 -22.49 -7.47
CA GLY C 36 15.16 -22.65 -7.92
C GLY C 36 16.17 -22.18 -6.89
N PRO C 37 17.47 -22.32 -7.20
CA PRO C 37 18.50 -21.89 -6.25
C PRO C 37 18.57 -20.38 -6.08
N GLU C 38 17.98 -19.62 -6.99
CA GLU C 38 17.94 -18.16 -6.89
C GLU C 38 16.52 -17.67 -6.60
N GLN C 39 15.73 -18.48 -5.90
CA GLN C 39 14.37 -18.10 -5.55
C GLN C 39 14.39 -16.88 -4.63
N ASN C 40 13.63 -15.85 -5.02
CA ASN C 40 13.63 -14.58 -4.30
C ASN C 40 12.26 -14.26 -3.70
N GLN C 41 11.49 -15.29 -3.37
CA GLN C 41 10.21 -15.10 -2.72
C GLN C 41 9.83 -16.41 -2.02
N SER C 42 8.79 -16.33 -1.20
CA SER C 42 8.36 -17.49 -0.43
C SER C 42 6.93 -17.28 0.02
N ALA C 43 6.08 -18.27 -0.21
CA ALA C 43 4.71 -18.20 0.27
C ALA C 43 4.68 -18.41 1.78
N VAL C 44 3.88 -17.58 2.47
CA VAL C 44 3.76 -17.68 3.92
C VAL C 44 2.39 -18.17 4.36
N THR C 45 1.35 -17.99 3.55
CA THR C 45 0.04 -18.58 3.82
C THR C 45 -0.40 -19.38 2.60
N SER C 46 -1.34 -20.29 2.82
CA SER C 46 -1.85 -21.11 1.75
C SER C 46 -3.19 -20.57 1.26
N ASN C 47 -3.59 -21.04 0.08
CA ASN C 47 -4.91 -20.71 -0.45
C ASN C 47 -5.97 -21.53 0.28
N ASP C 48 -7.07 -20.87 0.62
CA ASP C 48 -8.20 -21.57 1.22
C ASP C 48 -8.92 -22.35 0.12
N LYS C 49 -8.98 -23.67 0.28
CA LYS C 49 -9.58 -24.50 -0.77
C LYS C 49 -11.07 -24.24 -0.92
N LYS C 50 -11.74 -23.76 0.13
CA LYS C 50 -13.18 -23.53 0.06
C LYS C 50 -13.51 -22.28 -0.74
N ILE C 51 -12.73 -21.22 -0.58
CA ILE C 51 -13.02 -19.94 -1.21
C ILE C 51 -12.18 -19.72 -2.48
N GLY C 52 -10.93 -20.17 -2.46
CA GLY C 52 -10.05 -20.02 -3.60
C GLY C 52 -9.13 -18.83 -3.57
N LEU C 53 -8.77 -18.33 -2.38
CA LEU C 53 -7.89 -17.19 -2.27
C LEU C 53 -7.18 -17.25 -0.93
N GLY C 54 -6.20 -16.38 -0.75
CA GLY C 54 -5.50 -16.26 0.52
C GLY C 54 -4.01 -16.49 0.46
N CYS C 55 -3.46 -16.96 -0.65
CA CYS C 55 -2.02 -17.18 -0.72
C CYS C 55 -1.28 -15.86 -0.65
N ILE C 56 -0.35 -15.74 0.30
CA ILE C 56 0.45 -14.55 0.50
C ILE C 56 1.90 -14.92 0.28
N VAL C 57 2.59 -14.18 -0.58
CA VAL C 57 3.99 -14.40 -0.89
C VAL C 57 4.76 -13.13 -0.61
N VAL C 58 5.81 -13.24 0.18
CA VAL C 58 6.74 -12.13 0.43
C VAL C 58 7.86 -12.21 -0.59
N ASN C 59 8.10 -11.12 -1.31
CA ASN C 59 9.00 -11.11 -2.45
C ASN C 59 10.11 -10.09 -2.26
N ASN C 60 11.32 -10.49 -2.66
CA ASN C 60 12.47 -9.59 -2.75
C ASN C 60 13.00 -9.66 -4.18
N TRP C 61 12.23 -9.14 -5.12
CA TRP C 61 12.59 -9.22 -6.53
C TRP C 61 13.75 -8.28 -6.85
N SER C 62 14.77 -8.80 -7.52
CA SER C 62 15.88 -7.99 -7.96
C SER C 62 15.56 -7.30 -9.28
N VAL C 63 16.01 -6.05 -9.42
CA VAL C 63 15.82 -5.27 -10.64
C VAL C 63 17.18 -4.91 -11.19
N TYR C 64 17.39 -5.20 -12.48
CA TYR C 64 18.67 -4.95 -13.13
C TYR C 64 18.51 -3.93 -14.25
N ASP C 65 19.66 -3.41 -14.70
CA ASP C 65 19.70 -2.39 -15.73
C ASP C 65 19.80 -2.99 -17.14
N GLY C 66 19.73 -4.31 -17.25
CA GLY C 66 19.83 -4.96 -18.53
C GLY C 66 19.72 -6.46 -18.35
N ILE C 67 19.82 -7.17 -19.47
CA ILE C 67 19.71 -8.63 -19.51
C ILE C 67 21.07 -9.23 -19.82
N GLY C 68 21.36 -10.36 -19.19
CA GLY C 68 22.61 -11.08 -19.44
C GLY C 68 23.85 -10.30 -19.03
N SER C 69 24.99 -10.87 -19.41
CA SER C 69 26.30 -10.29 -19.13
C SER C 69 26.46 -10.00 -17.65
N ASP C 70 27.11 -8.88 -17.32
CA ASP C 70 27.26 -8.42 -15.94
C ASP C 70 26.33 -7.24 -15.68
N ALA C 71 25.04 -7.47 -15.92
CA ALA C 71 24.04 -6.43 -15.70
C ALA C 71 24.06 -6.00 -14.24
N LYS C 72 24.22 -4.69 -14.02
CA LYS C 72 24.37 -4.17 -12.68
C LYS C 72 23.03 -4.20 -11.95
N LEU C 73 23.05 -4.70 -10.72
CA LEU C 73 21.88 -4.63 -9.84
C LEU C 73 21.60 -3.16 -9.51
N VAL C 74 20.37 -2.72 -9.79
CA VAL C 74 20.02 -1.32 -9.57
C VAL C 74 18.92 -1.15 -8.53
N ALA C 75 18.08 -2.14 -8.28
CA ALA C 75 16.98 -1.96 -7.34
C ALA C 75 16.48 -3.31 -6.86
N TYR C 76 15.74 -3.26 -5.75
CA TYR C 76 15.05 -4.41 -5.18
C TYR C 76 13.57 -4.09 -5.04
N ALA C 77 12.74 -5.09 -5.26
CA ALA C 77 11.30 -4.98 -5.02
C ALA C 77 10.98 -5.73 -3.74
N LYS C 78 10.94 -5.00 -2.63
CA LYS C 78 10.76 -5.59 -1.31
C LYS C 78 9.33 -5.32 -0.84
N GLY C 79 8.56 -6.39 -0.69
CA GLY C 79 7.19 -6.27 -0.22
C GLY C 79 6.47 -7.60 -0.21
N LEU C 80 5.23 -7.62 -0.73
CA LEU C 80 4.44 -8.83 -0.75
C LEU C 80 3.34 -8.69 -1.80
N HIS C 81 2.82 -9.84 -2.22
CA HIS C 81 1.66 -9.89 -3.11
C HIS C 81 0.72 -10.98 -2.63
N VAL C 82 -0.59 -10.67 -2.62
CA VAL C 82 -1.61 -11.57 -2.13
C VAL C 82 -2.51 -11.98 -3.28
N PHE C 83 -3.06 -13.19 -3.18
CA PHE C 83 -3.91 -13.76 -4.22
C PHE C 83 -5.36 -13.68 -3.79
N ALA C 84 -6.16 -12.91 -4.54
CA ALA C 84 -7.60 -12.80 -4.31
C ALA C 84 -8.31 -12.83 -5.66
N GLY C 85 -8.21 -13.96 -6.35
CA GLY C 85 -8.67 -14.08 -7.72
C GLY C 85 -7.55 -13.67 -8.66
N ALA C 86 -6.88 -12.58 -8.34
CA ALA C 86 -5.66 -12.14 -9.00
C ALA C 86 -4.65 -11.74 -7.93
N TRP C 87 -3.48 -11.29 -8.36
CA TRP C 87 -2.39 -10.94 -7.46
C TRP C 87 -2.36 -9.43 -7.26
N HIS C 88 -2.66 -8.99 -6.04
CA HIS C 88 -2.57 -7.60 -5.64
C HIS C 88 -1.20 -7.33 -5.04
N ASN C 89 -0.50 -6.32 -5.56
CA ASN C 89 0.87 -6.04 -5.17
C ASN C 89 0.96 -4.78 -4.33
N SER C 90 1.94 -4.79 -3.42
CA SER C 90 2.27 -3.61 -2.62
C SER C 90 3.71 -3.79 -2.15
N PHE C 91 4.61 -2.92 -2.58
CA PHE C 91 6.02 -3.10 -2.26
C PHE C 91 6.76 -1.77 -2.44
N SER C 92 7.96 -1.72 -1.87
CA SER C 92 8.85 -0.59 -2.02
C SER C 92 9.96 -0.95 -3.00
N LEU C 93 10.17 -0.09 -4.00
CA LEU C 93 11.21 -0.29 -5.00
C LEU C 93 12.43 0.52 -4.55
N VAL C 94 13.32 -0.12 -3.80
CA VAL C 94 14.49 0.54 -3.25
C VAL C 94 15.65 0.31 -4.22
N PHE C 95 16.35 1.40 -4.55
CA PHE C 95 17.43 1.34 -5.52
C PHE C 95 18.78 1.13 -4.84
N GLU C 96 19.66 0.40 -5.52
CA GLU C 96 20.97 0.05 -4.99
C GLU C 96 22.12 0.77 -5.69
N ASP C 97 21.87 1.45 -6.79
CA ASP C 97 22.92 2.21 -7.46
C ASP C 97 23.39 3.35 -6.56
N GLU C 98 24.63 3.78 -6.79
CA GLU C 98 25.26 4.75 -5.90
C GLU C 98 24.49 6.07 -5.89
N ARG C 99 23.99 6.50 -7.05
CA ARG C 99 23.32 7.80 -7.13
C ARG C 99 21.96 7.78 -6.43
N LEU C 100 21.21 6.69 -6.58
CA LEU C 100 19.86 6.60 -6.04
C LEU C 100 19.77 5.70 -4.81
N LYS C 101 20.89 5.49 -4.11
CA LYS C 101 20.91 4.57 -2.98
C LYS C 101 20.04 5.12 -1.86
N GLY C 102 19.03 4.35 -1.46
CA GLY C 102 18.11 4.71 -0.41
C GLY C 102 16.77 5.22 -0.91
N SER C 103 16.75 5.88 -2.06
CA SER C 103 15.50 6.38 -2.62
C SER C 103 14.59 5.21 -3.00
N THR C 104 13.29 5.37 -2.78
CA THR C 104 12.34 4.31 -3.02
C THR C 104 11.20 4.81 -3.90
N LEU C 105 10.48 3.84 -4.47
CA LEU C 105 9.23 4.10 -5.20
C LEU C 105 8.17 3.15 -4.65
N GLN C 106 7.11 3.70 -4.07
CA GLN C 106 6.04 2.89 -3.53
C GLN C 106 5.09 2.50 -4.65
N VAL C 107 4.85 1.19 -4.79
CA VAL C 107 4.13 0.64 -5.93
C VAL C 107 2.98 -0.21 -5.43
N MET C 108 1.80 0.00 -5.99
CA MET C 108 0.63 -0.83 -5.73
C MET C 108 -0.09 -1.11 -7.04
N GLY C 109 -0.65 -2.30 -7.17
CA GLY C 109 -1.39 -2.64 -8.36
C GLY C 109 -1.61 -4.14 -8.45
N LEU C 110 -2.27 -4.52 -9.53
CA LEU C 110 -2.68 -5.90 -9.77
C LEU C 110 -1.82 -6.54 -10.85
N ILE C 111 -1.71 -7.87 -10.78
CA ILE C 111 -0.98 -8.71 -11.73
C ILE C 111 0.53 -8.45 -11.64
N VAL C 112 1.31 -9.50 -11.84
CA VAL C 112 2.76 -9.43 -11.71
C VAL C 112 3.47 -9.47 -13.07
N GLU C 113 3.04 -10.37 -13.96
CA GLU C 113 3.75 -10.62 -15.19
C GLU C 113 3.29 -9.74 -16.35
N GLU C 114 2.21 -8.97 -16.18
CA GLU C 114 1.71 -8.10 -17.23
C GLU C 114 0.81 -7.06 -16.58
N GLY C 115 0.25 -6.19 -17.42
CA GLY C 115 -0.66 -5.18 -16.95
C GLY C 115 0.03 -3.91 -16.49
N ASP C 116 -0.61 -3.18 -15.57
CA ASP C 116 -0.11 -1.90 -15.10
C ASP C 116 0.04 -1.92 -13.59
N TRP C 117 1.02 -1.16 -13.10
CA TRP C 117 1.21 -0.87 -11.69
C TRP C 117 1.06 0.62 -11.47
N ALA C 118 0.74 0.99 -10.24
CA ALA C 118 0.54 2.39 -9.87
C ALA C 118 1.62 2.84 -8.90
N ILE C 119 2.15 4.03 -9.14
CA ILE C 119 3.12 4.64 -8.24
C ILE C 119 2.35 5.51 -7.25
N VAL C 120 2.41 5.14 -5.97
CA VAL C 120 1.63 5.78 -4.93
C VAL C 120 2.47 6.67 -4.03
N GLY C 121 3.78 6.71 -4.24
CA GLY C 121 4.64 7.54 -3.41
C GLY C 121 6.10 7.23 -3.68
N GLY C 122 6.95 7.85 -2.88
CA GLY C 122 8.38 7.63 -3.02
C GLY C 122 9.13 8.44 -1.99
N THR C 123 10.40 8.07 -1.81
CA THR C 123 11.28 8.70 -0.84
C THR C 123 12.59 9.06 -1.53
N GLY C 124 13.40 9.87 -0.84
CA GLY C 124 14.70 10.25 -1.38
C GLY C 124 14.54 11.10 -2.63
N GLN C 125 15.21 10.68 -3.71
CA GLN C 125 15.15 11.44 -4.95
C GLN C 125 13.78 11.44 -5.59
N PHE C 126 12.89 10.54 -5.17
CA PHE C 126 11.55 10.44 -5.73
C PHE C 126 10.48 10.73 -4.68
N ALA C 127 10.73 11.74 -3.84
CA ALA C 127 9.75 12.10 -2.83
C ALA C 127 8.45 12.55 -3.47
N MET C 128 7.34 12.06 -2.93
CA MET C 128 5.99 12.40 -3.39
C MET C 128 5.78 12.01 -4.85
N ALA C 129 6.39 10.90 -5.26
CA ALA C 129 6.24 10.41 -6.63
C ALA C 129 4.85 9.89 -6.88
N THR C 130 4.32 10.21 -8.06
CA THR C 130 3.02 9.71 -8.51
C THR C 130 3.12 9.34 -9.97
N GLY C 131 2.56 8.19 -10.32
CA GLY C 131 2.62 7.74 -11.70
C GLY C 131 2.21 6.28 -11.81
N VAL C 132 2.65 5.64 -12.89
CA VAL C 132 2.31 4.26 -13.19
C VAL C 132 3.56 3.53 -13.64
N ILE C 133 3.52 2.20 -13.48
CA ILE C 133 4.59 1.31 -13.93
C ILE C 133 3.98 0.33 -14.90
N LEU C 134 4.58 0.23 -16.09
CA LEU C 134 4.14 -0.72 -17.11
C LEU C 134 5.01 -1.97 -17.03
N LYS C 135 4.38 -3.12 -17.23
CA LYS C 135 5.06 -4.41 -17.14
C LYS C 135 4.97 -5.12 -18.49
N LYS C 136 5.98 -5.94 -18.77
CA LYS C 136 6.03 -6.68 -20.02
C LYS C 136 6.94 -7.88 -19.83
N MET C 137 6.48 -9.04 -20.27
CA MET C 137 7.27 -10.26 -20.19
C MET C 137 8.45 -10.19 -21.17
N GLN C 138 9.63 -10.59 -20.69
CA GLN C 138 10.83 -10.61 -21.53
C GLN C 138 11.38 -12.01 -21.71
N GLU C 139 11.76 -12.69 -20.63
CA GLU C 139 12.33 -14.03 -20.71
C GLU C 139 11.60 -14.94 -19.72
N GLN C 140 11.10 -16.07 -20.22
CA GLN C 140 10.42 -17.06 -19.39
C GLN C 140 11.39 -18.22 -19.14
N LYS C 141 11.80 -18.38 -17.89
CA LYS C 141 12.74 -19.43 -17.51
C LYS C 141 12.02 -20.53 -16.74
N GLN C 142 12.75 -21.63 -16.52
CA GLN C 142 12.16 -22.78 -15.86
C GLN C 142 11.86 -22.50 -14.40
N TYR C 143 12.70 -21.69 -13.75
CA TYR C 143 12.54 -21.38 -12.33
C TYR C 143 11.92 -20.01 -12.10
N GLY C 144 11.68 -19.24 -13.15
CA GLY C 144 11.09 -17.93 -12.97
C GLY C 144 10.94 -17.21 -14.30
N ASN C 145 10.87 -15.89 -14.23
CA ASN C 145 10.75 -15.07 -15.43
C ASN C 145 11.29 -13.67 -15.14
N ILE C 146 11.47 -12.90 -16.21
CA ILE C 146 12.00 -11.54 -16.14
C ILE C 146 10.98 -10.60 -16.76
N ILE C 147 10.61 -9.57 -16.00
CA ILE C 147 9.59 -8.62 -16.41
C ILE C 147 10.25 -7.27 -16.66
N GLU C 148 10.03 -6.72 -17.86
CA GLU C 148 10.55 -5.39 -18.18
C GLU C 148 9.60 -4.33 -17.67
N LEU C 149 10.16 -3.36 -16.95
CA LEU C 149 9.38 -2.31 -16.29
C LEU C 149 9.63 -0.97 -16.97
N THR C 150 8.55 -0.27 -17.30
CA THR C 150 8.61 1.07 -17.85
C THR C 150 7.86 2.01 -16.91
N ILE C 151 8.57 2.99 -16.37
CA ILE C 151 8.05 3.88 -15.34
C ILE C 151 7.76 5.24 -15.96
N HIS C 152 6.52 5.71 -15.79
CA HIS C 152 6.11 7.06 -16.19
C HIS C 152 5.52 7.73 -14.95
N GLY C 153 6.31 8.61 -14.33
CA GLY C 153 5.91 9.23 -13.08
C GLY C 153 6.20 10.72 -13.07
N PHE C 154 5.75 11.36 -12.00
CA PHE C 154 5.96 12.79 -11.79
C PHE C 154 6.30 13.01 -10.33
N CYS C 155 7.29 13.88 -10.08
CA CYS C 155 7.71 14.23 -8.73
C CYS C 155 7.66 15.75 -8.58
N PRO C 156 7.03 16.26 -7.53
CA PRO C 156 7.04 17.70 -7.30
C PRO C 156 8.43 18.17 -6.89
N LEU C 157 8.75 19.40 -7.29
CA LEU C 157 10.09 19.95 -7.05
C LEU C 157 10.38 20.06 -5.55
N LEU C 158 11.42 19.35 -5.12
CA LEU C 158 11.84 19.34 -3.72
C LEU C 158 10.70 18.99 -2.77
#